data_2C2Y
#
_entry.id   2C2Y
#
_cell.length_a   87.797
_cell.length_b   87.797
_cell.length_c   113.108
_cell.angle_alpha   90.00
_cell.angle_beta   90.00
_cell.angle_gamma   90.00
#
_symmetry.space_group_name_H-M   'P 43 21 2'
#
loop_
_entity.id
_entity.type
_entity.pdbx_description
1 polymer 'METHYLENETETRAHYDROFOLATE DEHYDROGENASE-METHENYLTETRAHYDROFOLATE CYCLOHYDROLASE'
2 water water
#
_entity_poly.entity_id   1
_entity_poly.type   'polypeptide(L)'
_entity_poly.pdbx_seq_one_letter_code
;VGAIMLDGKATRDEIFGDLKQRVAALDAAGRTPGLGTILVGDDPGSQAYVRGKHADCAKVGITSIRRDLPADISTATLNE
TIDELNANPDCTGYIVQLPLPKHLDENAALERVDPAKDADGLHPTNLGRLVLGTPAPLPCTPRGIVHLLRRYDISIAGAH
VVVIGRGVTVGRPLGLLLTRRSENATVTLCHTGTRDLPALTRQADIVVAAVGVAHLLTADMVRPGAAVIDVGVSRTDDGL
VGDVHPDVWELAGHVSPNPGGVGPLTRAFLLTNVVELAERR
;
_entity_poly.pdbx_strand_id   A
#
# COMPACT_ATOMS: atom_id res chain seq x y z
N GLY A 2 -13.27 2.36 25.09
CA GLY A 2 -12.78 2.89 23.78
C GLY A 2 -11.64 2.06 23.24
N ALA A 3 -11.64 1.87 21.91
CA ALA A 3 -10.63 1.08 21.24
C ALA A 3 -9.24 1.71 21.31
N ILE A 4 -8.20 0.87 21.34
CA ILE A 4 -6.84 1.39 21.20
C ILE A 4 -6.61 1.94 19.78
N MET A 5 -5.99 3.09 19.71
CA MET A 5 -5.75 3.80 18.44
C MET A 5 -4.51 3.21 17.76
N LEU A 6 -4.68 2.67 16.56
CA LEU A 6 -3.53 2.16 15.81
C LEU A 6 -2.85 3.32 15.10
N ASP A 7 -1.81 3.85 15.73
CA ASP A 7 -1.18 5.10 15.31
C ASP A 7 -0.23 4.88 14.14
N GLY A 8 -0.72 5.13 12.93
CA GLY A 8 0.07 4.89 11.73
C GLY A 8 1.19 5.88 11.52
N LYS A 9 0.95 7.14 11.91
CA LYS A 9 1.96 8.19 11.76
C LYS A 9 3.19 7.91 12.61
N ALA A 10 2.95 7.54 13.86
CA ALA A 10 4.04 7.20 14.77
C ALA A 10 4.78 5.94 14.29
N THR A 11 4.02 4.98 13.77
CA THR A 11 4.61 3.78 13.20
C THR A 11 5.44 4.09 11.93
N ARG A 12 4.91 4.95 11.07
CA ARG A 12 5.65 5.37 9.88
C ARG A 12 6.96 6.08 10.24
N ASP A 13 6.92 6.96 11.24
CA ASP A 13 8.11 7.70 11.69
C ASP A 13 9.18 6.76 12.19
N GLU A 14 8.75 5.71 12.87
CA GLU A 14 9.64 4.65 13.33
C GLU A 14 10.32 3.96 12.15
N ILE A 15 9.56 3.66 11.11
CA ILE A 15 10.12 3.03 9.91
C ILE A 15 11.11 3.98 9.19
N PHE A 16 10.72 5.22 9.02
CA PHE A 16 11.62 6.24 8.44
C PHE A 16 12.99 6.27 9.14
N GLY A 17 12.99 6.26 10.47
CA GLY A 17 14.24 6.28 11.23
C GLY A 17 15.09 5.06 10.96
N ASP A 18 14.47 3.90 10.89
CA ASP A 18 15.17 2.69 10.49
C ASP A 18 15.75 2.81 9.07
N LEU A 19 14.92 3.28 8.14
CA LEU A 19 15.31 3.42 6.73
C LEU A 19 16.49 4.37 6.52
N LYS A 20 16.47 5.48 7.26
CA LYS A 20 17.53 6.48 7.17
C LYS A 20 18.89 5.90 7.55
N GLN A 21 18.92 5.06 8.59
CA GLN A 21 20.15 4.37 8.99
C GLN A 21 20.58 3.37 7.94
N ARG A 22 19.61 2.61 7.44
CA ARG A 22 19.89 1.58 6.44
C ARG A 22 20.33 2.19 5.12
N VAL A 23 19.85 3.40 4.82
CA VAL A 23 20.24 4.10 3.59
C VAL A 23 21.64 4.71 3.75
N ALA A 24 21.94 5.20 4.96
CA ALA A 24 23.29 5.65 5.29
C ALA A 24 24.29 4.51 5.16
N ALA A 25 23.90 3.30 5.50
CA ALA A 25 24.76 2.12 5.33
C ALA A 25 24.93 1.72 3.87
N LEU A 26 23.89 1.90 3.07
CA LEU A 26 23.98 1.64 1.63
C LEU A 26 24.85 2.68 0.95
N ASP A 27 24.67 3.92 1.38
CA ASP A 27 25.44 5.04 0.86
C ASP A 27 26.93 4.82 1.12
N ALA A 28 27.25 4.35 2.31
CA ALA A 28 28.65 4.12 2.71
C ALA A 28 29.29 3.03 1.88
N ALA A 29 28.47 2.11 1.39
CA ALA A 29 28.94 1.05 0.50
C ALA A 29 28.88 1.44 -0.99
N GLY A 30 28.57 2.69 -1.28
CA GLY A 30 28.45 3.18 -2.66
C GLY A 30 27.23 2.65 -3.39
N ARG A 31 26.16 2.39 -2.63
CA ARG A 31 24.98 1.76 -3.19
C ARG A 31 23.71 2.53 -2.83
N THR A 32 23.81 3.86 -2.89
CA THR A 32 22.67 4.72 -2.55
C THR A 32 21.47 4.34 -3.40
N PRO A 33 20.30 4.15 -2.76
CA PRO A 33 19.11 3.81 -3.53
C PRO A 33 18.53 5.03 -4.21
N GLY A 34 17.86 4.83 -5.34
CA GLY A 34 17.15 5.91 -6.01
C GLY A 34 15.73 5.50 -6.33
N LEU A 35 14.78 6.40 -6.08
CA LEU A 35 13.40 6.17 -6.52
C LEU A 35 13.08 6.98 -7.76
N GLY A 36 12.64 6.30 -8.81
CA GLY A 36 12.08 6.97 -9.97
C GLY A 36 10.57 7.13 -9.90
N THR A 37 10.06 8.17 -10.53
CA THR A 37 8.62 8.33 -10.74
C THR A 37 8.37 8.71 -12.21
N ILE A 38 7.34 8.11 -12.80
CA ILE A 38 6.83 8.58 -14.06
C ILE A 38 5.49 9.26 -13.85
N LEU A 39 5.43 10.54 -14.24
CA LEU A 39 4.25 11.36 -14.09
C LEU A 39 3.94 11.93 -15.46
N VAL A 40 2.75 11.61 -15.97
CA VAL A 40 2.31 12.06 -17.29
C VAL A 40 1.23 13.13 -17.13
N GLY A 41 1.48 14.31 -17.70
CA GLY A 41 0.56 15.42 -17.60
C GLY A 41 0.61 16.09 -16.25
N ASP A 42 -0.47 16.77 -15.89
CA ASP A 42 -0.41 17.69 -14.77
C ASP A 42 -1.59 17.62 -13.80
N ASP A 43 -2.19 16.45 -13.64
CA ASP A 43 -3.22 16.29 -12.62
C ASP A 43 -2.64 16.73 -11.29
N PRO A 44 -3.30 17.70 -10.62
CA PRO A 44 -2.86 18.29 -9.37
C PRO A 44 -2.68 17.29 -8.22
N GLY A 45 -3.58 16.32 -8.10
CA GLY A 45 -3.44 15.25 -7.10
C GLY A 45 -2.25 14.35 -7.39
N SER A 46 -2.10 13.94 -8.65
CA SER A 46 -0.95 13.15 -9.09
C SER A 46 0.37 13.86 -8.82
N GLN A 47 0.39 15.17 -9.08
CA GLN A 47 1.55 16.01 -8.83
C GLN A 47 1.88 16.03 -7.35
N ALA A 48 0.86 16.17 -6.52
CA ALA A 48 1.04 16.20 -5.07
C ALA A 48 1.49 14.86 -4.47
N TYR A 49 1.03 13.75 -5.04
CA TYR A 49 1.47 12.42 -4.59
C TYR A 49 2.95 12.23 -4.86
N VAL A 50 3.36 12.56 -6.08
CA VAL A 50 4.75 12.43 -6.53
C VAL A 50 5.71 13.34 -5.76
N ARG A 51 5.28 14.57 -5.49
CA ARG A 51 6.00 15.48 -4.60
C ARG A 51 6.20 14.88 -3.22
N GLY A 52 5.11 14.34 -2.68
CA GLY A 52 5.16 13.71 -1.36
C GLY A 52 6.12 12.54 -1.28
N LYS A 53 6.15 11.73 -2.34
CA LYS A 53 7.02 10.55 -2.36
C LYS A 53 8.47 10.95 -2.39
N HIS A 54 8.77 11.96 -3.22
CA HIS A 54 10.14 12.45 -3.30
C HIS A 54 10.59 13.22 -2.05
N ALA A 55 9.68 13.91 -1.40
CA ALA A 55 9.99 14.59 -0.13
C ALA A 55 10.31 13.59 0.96
N ASP A 56 9.56 12.49 0.99
CA ASP A 56 9.87 11.40 1.92
C ASP A 56 11.21 10.74 1.61
N CYS A 57 11.49 10.53 0.32
CA CYS A 57 12.79 10.04 -0.10
C CYS A 57 13.91 10.94 0.39
N ALA A 58 13.77 12.26 0.18
CA ALA A 58 14.78 13.21 0.64
C ALA A 58 15.03 13.12 2.14
N LYS A 59 13.98 12.87 2.93
CA LYS A 59 14.10 12.73 4.38
C LYS A 59 15.01 11.58 4.82
N VAL A 60 15.01 10.49 4.04
CA VAL A 60 15.77 9.30 4.41
C VAL A 60 17.06 9.12 3.62
N GLY A 61 17.29 9.97 2.62
CA GLY A 61 18.53 9.93 1.84
C GLY A 61 18.44 9.17 0.53
N ILE A 62 17.22 8.92 0.06
CA ILE A 62 17.06 8.21 -1.20
C ILE A 62 17.09 9.24 -2.33
N THR A 63 17.89 8.98 -3.36
CA THR A 63 17.95 9.87 -4.52
C THR A 63 16.61 9.95 -5.27
N SER A 64 16.26 11.14 -5.73
CA SER A 64 15.05 11.36 -6.55
C SER A 64 15.35 11.42 -8.03
N ILE A 65 14.71 10.52 -8.77
CA ILE A 65 14.79 10.51 -10.20
C ILE A 65 13.37 10.78 -10.71
N ARG A 66 13.21 11.89 -11.41
CA ARG A 66 11.88 12.24 -11.94
C ARG A 66 11.86 12.18 -13.45
N ARG A 67 10.79 11.60 -13.98
CA ARG A 67 10.48 11.68 -15.40
C ARG A 67 9.12 12.32 -15.53
N ASP A 68 9.12 13.63 -15.77
CA ASP A 68 7.88 14.40 -15.88
C ASP A 68 7.61 14.62 -17.36
N LEU A 69 6.51 14.02 -17.83
CA LEU A 69 6.18 14.03 -19.25
C LEU A 69 4.91 14.82 -19.49
N PRO A 70 4.77 15.39 -20.70
CA PRO A 70 3.56 16.12 -21.06
C PRO A 70 2.39 15.16 -21.31
N ALA A 71 1.17 15.66 -21.12
CA ALA A 71 -0.04 14.86 -21.23
C ALA A 71 -0.28 14.26 -22.62
N ASP A 72 0.46 14.74 -23.61
CA ASP A 72 0.21 14.34 -24.99
C ASP A 72 1.30 13.47 -25.60
N ILE A 73 2.15 12.87 -24.77
CA ILE A 73 3.19 11.98 -25.30
C ILE A 73 2.56 10.80 -26.04
N SER A 74 3.33 10.19 -26.93
CA SER A 74 2.90 8.99 -27.61
C SER A 74 3.18 7.76 -26.75
N THR A 75 2.73 6.61 -27.23
CA THR A 75 2.98 5.34 -26.56
C THR A 75 4.48 5.03 -26.62
N ALA A 76 5.09 5.28 -27.77
CA ALA A 76 6.51 5.00 -27.97
C ALA A 76 7.40 5.80 -27.02
N THR A 77 6.98 7.02 -26.69
CA THR A 77 7.70 7.91 -25.77
C THR A 77 7.59 7.44 -24.31
N LEU A 78 6.41 6.96 -23.93
CA LEU A 78 6.22 6.35 -22.61
C LEU A 78 7.11 5.11 -22.47
N ASN A 79 7.15 4.30 -23.51
CA ASN A 79 7.92 3.06 -23.54
C ASN A 79 9.42 3.27 -23.48
N GLU A 80 9.89 4.33 -24.15
CA GLU A 80 11.30 4.70 -24.07
C GLU A 80 11.71 5.07 -22.65
N THR A 81 10.82 5.75 -21.95
CA THR A 81 11.05 6.20 -20.57
C THR A 81 11.09 5.00 -19.63
N ILE A 82 10.12 4.11 -19.79
CA ILE A 82 10.06 2.85 -19.04
C ILE A 82 11.31 2.03 -19.29
N ASP A 83 11.69 1.84 -20.56
CA ASP A 83 12.92 1.11 -20.90
C ASP A 83 14.18 1.76 -20.33
N GLU A 84 14.22 3.08 -20.36
CA GLU A 84 15.35 3.83 -19.80
C GLU A 84 15.43 3.64 -18.27
N LEU A 85 14.31 3.77 -17.56
CA LEU A 85 14.34 3.54 -16.10
C LEU A 85 14.73 2.10 -15.76
N ASN A 86 14.22 1.15 -16.55
CA ASN A 86 14.60 -0.25 -16.44
C ASN A 86 16.11 -0.48 -16.52
N ALA A 87 16.78 0.27 -17.40
CA ALA A 87 18.24 0.12 -17.61
C ALA A 87 19.08 1.11 -16.80
N ASN A 88 18.42 2.04 -16.09
CA ASN A 88 19.08 3.08 -15.32
C ASN A 88 19.67 2.56 -14.01
N PRO A 89 21.02 2.46 -13.94
CA PRO A 89 21.65 1.84 -12.77
C PRO A 89 21.46 2.58 -11.45
N ASP A 90 21.06 3.84 -11.48
CA ASP A 90 20.79 4.57 -10.22
C ASP A 90 19.33 4.44 -9.82
N CYS A 91 18.50 3.97 -10.73
CA CYS A 91 17.10 3.77 -10.42
C CYS A 91 16.95 2.38 -9.84
N THR A 92 16.84 2.29 -8.52
CA THR A 92 16.69 0.98 -7.91
C THR A 92 15.24 0.49 -8.01
N GLY A 93 14.29 1.42 -7.91
CA GLY A 93 12.90 1.10 -8.11
C GLY A 93 12.19 2.35 -8.55
N TYR A 94 11.05 2.18 -9.22
CA TYR A 94 10.23 3.29 -9.64
C TYR A 94 8.75 2.94 -9.71
N ILE A 95 7.91 3.97 -9.74
CA ILE A 95 6.47 3.85 -9.87
C ILE A 95 5.95 4.64 -11.08
N VAL A 96 4.83 4.18 -11.65
CA VAL A 96 4.14 4.95 -12.67
C VAL A 96 2.91 5.56 -12.00
N GLN A 97 2.85 6.88 -11.95
CA GLN A 97 1.74 7.55 -11.30
C GLN A 97 0.48 7.48 -12.14
N LEU A 98 -0.61 7.09 -11.50
CA LEU A 98 -1.88 6.91 -12.18
C LEU A 98 -2.82 8.02 -11.73
N PRO A 99 -3.82 8.38 -12.56
CA PRO A 99 -4.10 7.82 -13.87
C PRO A 99 -3.26 8.40 -15.01
N LEU A 100 -3.09 7.60 -16.06
CA LEU A 100 -2.46 8.02 -17.30
C LEU A 100 -3.52 8.60 -18.25
N PRO A 101 -3.12 9.59 -19.08
CA PRO A 101 -3.96 10.05 -20.17
C PRO A 101 -4.60 8.88 -20.92
N LYS A 102 -5.84 9.07 -21.35
CA LYS A 102 -6.67 7.97 -21.85
C LYS A 102 -6.23 7.38 -23.19
N HIS A 103 -5.43 8.11 -23.95
CA HIS A 103 -4.93 7.57 -25.21
C HIS A 103 -3.80 6.55 -24.98
N LEU A 104 -3.42 6.40 -23.72
CA LEU A 104 -2.32 5.51 -23.34
C LEU A 104 -2.85 4.28 -22.61
N ASP A 105 -2.42 3.12 -23.07
CA ASP A 105 -2.75 1.86 -22.40
C ASP A 105 -2.00 1.76 -21.06
N GLU A 106 -2.72 2.07 -19.98
CA GLU A 106 -2.16 1.96 -18.64
C GLU A 106 -1.56 0.61 -18.33
N ASN A 107 -2.32 -0.45 -18.57
CA ASN A 107 -1.86 -1.78 -18.20
C ASN A 107 -0.62 -2.27 -18.93
N ALA A 108 -0.56 -1.96 -20.23
CA ALA A 108 0.62 -2.28 -21.02
C ALA A 108 1.86 -1.59 -20.43
N ALA A 109 1.70 -0.34 -20.00
CA ALA A 109 2.79 0.42 -19.39
C ALA A 109 3.25 -0.24 -18.09
N LEU A 110 2.30 -0.68 -17.28
CA LEU A 110 2.61 -1.33 -16.02
C LEU A 110 3.34 -2.68 -16.20
N GLU A 111 3.01 -3.40 -17.26
CA GLU A 111 3.64 -4.69 -17.52
C GLU A 111 5.05 -4.56 -18.08
N ARG A 112 5.34 -3.40 -18.71
CA ARG A 112 6.62 -3.15 -19.33
C ARG A 112 7.69 -2.81 -18.29
N VAL A 113 7.23 -2.32 -17.14
CA VAL A 113 8.12 -2.11 -16.02
C VAL A 113 8.81 -3.42 -15.68
N ASP A 114 10.11 -3.38 -15.44
CA ASP A 114 10.85 -4.55 -14.99
C ASP A 114 10.46 -4.86 -13.53
N PRO A 115 9.97 -6.10 -13.26
CA PRO A 115 9.53 -6.43 -11.90
C PRO A 115 10.64 -6.32 -10.84
N ALA A 116 11.90 -6.32 -11.26
CA ALA A 116 13.00 -6.11 -10.33
C ALA A 116 13.10 -4.65 -9.87
N LYS A 117 12.30 -3.77 -10.46
CA LYS A 117 12.28 -2.35 -10.09
C LYS A 117 10.89 -1.88 -9.69
N ASP A 118 10.05 -2.82 -9.30
CA ASP A 118 8.64 -2.58 -9.03
C ASP A 118 8.45 -2.15 -7.57
N ALA A 119 8.66 -0.85 -7.31
CA ALA A 119 8.62 -0.31 -5.95
C ALA A 119 7.24 -0.42 -5.30
N ASP A 120 6.20 -0.33 -6.12
CA ASP A 120 4.82 -0.49 -5.67
C ASP A 120 4.42 -1.93 -5.30
N GLY A 121 5.17 -2.92 -5.79
CA GLY A 121 4.84 -4.33 -5.61
C GLY A 121 3.55 -4.73 -6.32
N LEU A 122 3.23 -4.03 -7.42
CA LEU A 122 1.98 -4.26 -8.15
C LEU A 122 2.16 -4.81 -9.56
N HIS A 123 3.40 -5.04 -9.98
CA HIS A 123 3.63 -5.70 -11.25
C HIS A 123 3.04 -7.11 -11.19
N PRO A 124 2.31 -7.54 -12.24
CA PRO A 124 1.67 -8.87 -12.27
C PRO A 124 2.64 -10.00 -11.94
N THR A 125 3.89 -9.89 -12.39
CA THR A 125 4.89 -10.92 -12.10
C THR A 125 5.19 -11.04 -10.61
N ASN A 126 5.27 -9.92 -9.90
CA ASN A 126 5.49 -9.97 -8.44
C ASN A 126 4.24 -10.42 -7.67
N LEU A 127 3.07 -10.08 -8.18
CA LEU A 127 1.82 -10.53 -7.56
C LEU A 127 1.62 -12.03 -7.78
N GLY A 128 2.04 -12.53 -8.93
CA GLY A 128 2.06 -13.97 -9.20
C GLY A 128 3.05 -14.67 -8.30
N ARG A 129 4.21 -14.07 -8.07
CA ARG A 129 5.19 -14.63 -7.15
C ARG A 129 4.66 -14.74 -5.73
N LEU A 130 3.82 -13.78 -5.34
CA LEU A 130 3.11 -13.82 -4.07
C LEU A 130 2.10 -15.00 -4.02
N VAL A 131 1.33 -15.19 -5.09
CA VAL A 131 0.54 -16.43 -5.22
C VAL A 131 1.40 -17.70 -5.04
N LEU A 132 2.56 -17.74 -5.68
CA LEU A 132 3.38 -18.94 -5.73
C LEU A 132 4.32 -19.13 -4.55
N GLY A 133 4.55 -18.06 -3.78
CA GLY A 133 5.39 -18.16 -2.61
C GLY A 133 6.85 -17.93 -2.94
N THR A 134 7.12 -17.25 -4.05
CA THR A 134 8.48 -16.84 -4.33
C THR A 134 8.76 -15.39 -3.88
N PRO A 135 9.85 -15.20 -3.13
CA PRO A 135 10.21 -13.89 -2.57
C PRO A 135 10.36 -12.82 -3.64
N ALA A 136 9.76 -11.66 -3.39
CA ALA A 136 9.67 -10.63 -4.38
C ALA A 136 9.03 -9.42 -3.70
N PRO A 137 9.10 -8.24 -4.35
CA PRO A 137 8.43 -7.06 -3.81
C PRO A 137 6.95 -7.34 -3.54
N LEU A 138 6.49 -6.86 -2.39
CA LEU A 138 5.12 -7.06 -1.93
C LEU A 138 4.42 -5.72 -2.03
N PRO A 139 3.11 -5.72 -2.29
CA PRO A 139 2.40 -4.47 -2.40
C PRO A 139 2.34 -3.71 -1.08
N CYS A 140 2.61 -2.41 -1.15
CA CYS A 140 2.80 -1.55 0.01
C CYS A 140 1.69 -1.50 1.04
N THR A 141 0.44 -1.48 0.58
CA THR A 141 -0.67 -1.31 1.51
C THR A 141 -0.99 -2.57 2.35
N PRO A 142 -1.15 -3.74 1.69
CA PRO A 142 -1.29 -5.00 2.46
C PRO A 142 -0.16 -5.18 3.46
N ARG A 143 1.06 -4.89 3.03
CA ARG A 143 2.25 -5.03 3.86
C ARG A 143 2.23 -4.11 5.09
N GLY A 144 1.77 -2.87 4.91
CA GLY A 144 1.65 -1.93 6.03
C GLY A 144 0.48 -2.22 6.97
N ILE A 145 -0.58 -2.81 6.43
CA ILE A 145 -1.69 -3.28 7.24
C ILE A 145 -1.24 -4.38 8.23
N VAL A 146 -0.45 -5.33 7.75
CA VAL A 146 0.04 -6.41 8.57
C VAL A 146 1.05 -5.90 9.60
N HIS A 147 1.89 -4.95 9.20
CA HIS A 147 2.90 -4.38 10.08
C HIS A 147 2.25 -3.61 11.23
N LEU A 148 1.20 -2.87 10.91
CA LEU A 148 0.47 -2.08 11.90
C LEU A 148 -0.19 -2.97 12.95
N LEU A 149 -0.82 -4.05 12.50
CA LEU A 149 -1.39 -5.04 13.41
C LEU A 149 -0.32 -5.64 14.33
N ARG A 150 0.78 -6.11 13.75
CA ARG A 150 1.85 -6.69 14.55
C ARG A 150 2.53 -5.71 15.50
N ARG A 151 2.59 -4.44 15.11
CA ARG A 151 3.23 -3.41 15.91
C ARG A 151 2.52 -3.33 17.27
N TYR A 152 1.22 -3.60 17.25
CA TYR A 152 0.40 -3.60 18.45
C TYR A 152 0.16 -4.99 19.06
N ASP A 153 0.93 -5.97 18.63
CA ASP A 153 0.86 -7.33 19.20
C ASP A 153 -0.48 -8.03 18.98
N ILE A 154 -1.20 -7.62 17.95
CA ILE A 154 -2.44 -8.29 17.57
C ILE A 154 -2.04 -9.55 16.83
N SER A 155 -2.59 -10.70 17.23
CA SER A 155 -2.21 -11.95 16.59
C SER A 155 -2.79 -12.11 15.19
N ILE A 156 -1.93 -12.61 14.31
CA ILE A 156 -2.28 -12.87 12.93
C ILE A 156 -2.53 -14.37 12.73
N ALA A 157 -1.61 -15.19 13.24
CA ALA A 157 -1.75 -16.64 13.13
C ALA A 157 -3.03 -17.12 13.80
N GLY A 158 -3.85 -17.85 13.05
CA GLY A 158 -5.12 -18.36 13.56
C GLY A 158 -6.27 -17.37 13.56
N ALA A 159 -5.97 -16.10 13.30
CA ALA A 159 -7.02 -15.09 13.30
C ALA A 159 -7.98 -15.30 12.14
N HIS A 160 -9.25 -15.03 12.37
CA HIS A 160 -10.22 -14.91 11.30
C HIS A 160 -10.22 -13.46 10.84
N VAL A 161 -9.72 -13.22 9.63
CA VAL A 161 -9.73 -11.89 9.03
C VAL A 161 -10.83 -11.82 7.97
N VAL A 162 -11.73 -10.86 8.14
CA VAL A 162 -12.74 -10.57 7.13
C VAL A 162 -12.29 -9.32 6.38
N VAL A 163 -12.04 -9.49 5.09
CA VAL A 163 -11.58 -8.41 4.24
C VAL A 163 -12.79 -7.93 3.45
N ILE A 164 -13.14 -6.66 3.61
CA ILE A 164 -14.26 -6.10 2.86
C ILE A 164 -13.70 -5.28 1.73
N GLY A 165 -13.88 -5.77 0.51
CA GLY A 165 -13.32 -5.11 -0.66
C GLY A 165 -12.36 -6.00 -1.43
N ARG A 166 -12.39 -5.86 -2.75
CA ARG A 166 -11.56 -6.69 -3.63
C ARG A 166 -10.69 -5.85 -4.57
N GLY A 167 -10.24 -4.69 -4.10
CA GLY A 167 -9.37 -3.82 -4.91
C GLY A 167 -8.09 -4.54 -5.25
N VAL A 168 -7.54 -4.31 -6.44
CA VAL A 168 -6.37 -5.06 -6.89
C VAL A 168 -5.09 -4.69 -6.14
N THR A 169 -5.11 -3.55 -5.42
CA THR A 169 -3.94 -3.07 -4.71
C THR A 169 -4.07 -3.27 -3.19
N VAL A 170 -5.25 -3.65 -2.72
CA VAL A 170 -5.44 -3.90 -1.28
C VAL A 170 -6.09 -5.25 -0.99
N GLY A 171 -7.40 -5.33 -1.16
CA GLY A 171 -8.17 -6.52 -0.80
C GLY A 171 -7.67 -7.83 -1.35
N ARG A 172 -7.50 -7.92 -2.67
CA ARG A 172 -7.07 -9.15 -3.33
C ARG A 172 -5.66 -9.62 -2.96
N PRO A 173 -4.65 -8.73 -3.05
CA PRO A 173 -3.31 -9.14 -2.59
C PRO A 173 -3.21 -9.42 -1.09
N LEU A 174 -3.96 -8.67 -0.28
CA LEU A 174 -4.05 -8.89 1.17
C LEU A 174 -4.48 -10.33 1.53
N GLY A 175 -5.49 -10.84 0.83
CA GLY A 175 -5.95 -12.21 1.06
C GLY A 175 -4.83 -13.21 0.83
N LEU A 176 -4.00 -12.96 -0.17
CA LEU A 176 -2.84 -13.82 -0.46
C LEU A 176 -1.75 -13.69 0.62
N LEU A 177 -1.52 -12.46 1.08
CA LEU A 177 -0.48 -12.19 2.06
C LEU A 177 -0.80 -12.83 3.43
N LEU A 178 -2.04 -12.68 3.88
CA LEU A 178 -2.48 -13.17 5.17
C LEU A 178 -2.55 -14.70 5.28
N THR A 179 -2.64 -15.38 4.13
CA THR A 179 -2.72 -16.85 4.11
C THR A 179 -1.38 -17.57 3.83
N ARG A 180 -0.29 -16.82 3.76
CA ARG A 180 1.03 -17.44 3.77
C ARG A 180 1.26 -18.09 5.13
N ARG A 181 2.09 -19.12 5.18
CA ARG A 181 2.45 -19.77 6.46
C ARG A 181 3.09 -18.83 7.48
N SER A 182 3.79 -17.81 6.98
CA SER A 182 4.46 -16.83 7.82
C SER A 182 3.49 -15.83 8.42
N GLU A 183 2.25 -15.81 7.91
CA GLU A 183 1.19 -15.01 8.51
C GLU A 183 0.17 -15.95 9.16
N ASN A 184 -0.51 -16.75 8.34
CA ASN A 184 -1.26 -17.93 8.77
C ASN A 184 -2.65 -17.64 9.32
N ALA A 185 -3.27 -16.57 8.80
CA ALA A 185 -4.62 -16.22 9.14
C ALA A 185 -5.63 -16.93 8.25
N THR A 186 -6.84 -17.07 8.74
CA THR A 186 -7.98 -17.48 7.93
C THR A 186 -8.59 -16.20 7.37
N VAL A 187 -8.89 -16.16 6.08
CA VAL A 187 -9.40 -14.94 5.45
C VAL A 187 -10.74 -15.16 4.73
N THR A 188 -11.77 -14.42 5.11
CA THR A 188 -12.92 -14.39 4.21
C THR A 188 -12.95 -13.11 3.38
N LEU A 189 -13.04 -13.29 2.07
CA LEU A 189 -12.97 -12.19 1.13
C LEU A 189 -14.38 -11.77 0.76
N CYS A 190 -14.76 -10.56 1.18
CA CYS A 190 -16.09 -10.04 0.96
C CYS A 190 -16.06 -8.85 0.00
N HIS A 191 -17.21 -8.50 -0.52
CA HIS A 191 -17.32 -7.46 -1.55
C HIS A 191 -18.80 -7.23 -1.86
N THR A 192 -19.11 -6.43 -2.88
CA THR A 192 -20.51 -6.10 -3.21
C THR A 192 -21.38 -7.30 -3.60
N GLY A 193 -20.74 -8.41 -3.97
CA GLY A 193 -21.45 -9.63 -4.31
C GLY A 193 -21.79 -10.51 -3.12
N THR A 194 -21.32 -10.09 -1.94
CA THR A 194 -21.49 -10.81 -0.69
C THR A 194 -22.88 -10.71 -0.05
N ARG A 195 -23.49 -11.87 0.20
CA ARG A 195 -24.75 -11.99 0.91
C ARG A 195 -24.52 -11.94 2.43
N ASP A 196 -25.27 -11.06 3.11
CA ASP A 196 -25.25 -10.97 4.58
C ASP A 196 -23.85 -10.71 5.13
N LEU A 197 -23.29 -9.54 4.81
CA LEU A 197 -21.96 -9.18 5.29
C LEU A 197 -21.81 -9.16 6.84
N PRO A 198 -22.76 -8.52 7.58
CA PRO A 198 -22.69 -8.48 9.05
C PRO A 198 -22.48 -9.84 9.73
N ALA A 199 -23.12 -10.89 9.22
CA ALA A 199 -22.96 -12.22 9.78
C ALA A 199 -21.53 -12.74 9.68
N LEU A 200 -20.76 -12.19 8.74
CA LEU A 200 -19.39 -12.62 8.54
C LEU A 200 -18.42 -11.76 9.36
N THR A 201 -18.64 -10.45 9.34
CA THR A 201 -17.83 -9.54 10.13
C THR A 201 -17.94 -9.79 11.63
N ARG A 202 -19.10 -10.27 12.10
CA ARG A 202 -19.29 -10.54 13.53
C ARG A 202 -18.41 -11.71 14.01
N GLN A 203 -17.95 -12.53 13.07
CA GLN A 203 -17.07 -13.67 13.37
C GLN A 203 -15.59 -13.29 13.42
N ALA A 204 -15.27 -12.10 12.91
CA ALA A 204 -13.88 -11.72 12.67
C ALA A 204 -13.14 -11.24 13.89
N ASP A 205 -11.90 -11.70 14.03
CA ASP A 205 -10.95 -11.16 14.98
C ASP A 205 -10.38 -9.84 14.45
N ILE A 206 -10.24 -9.75 13.14
CA ILE A 206 -9.73 -8.57 12.46
C ILE A 206 -10.65 -8.26 11.28
N VAL A 207 -11.14 -7.03 11.21
CA VAL A 207 -11.88 -6.59 10.04
C VAL A 207 -11.06 -5.56 9.28
N VAL A 208 -10.84 -5.81 7.99
CA VAL A 208 -10.20 -4.84 7.13
C VAL A 208 -11.26 -4.25 6.21
N ALA A 209 -11.58 -2.99 6.42
CA ALA A 209 -12.60 -2.34 5.61
C ALA A 209 -11.91 -1.52 4.52
N ALA A 210 -11.94 -2.06 3.30
CA ALA A 210 -11.24 -1.49 2.14
C ALA A 210 -12.13 -1.53 0.90
N VAL A 211 -13.32 -0.97 1.01
CA VAL A 211 -14.31 -1.04 -0.04
C VAL A 211 -14.70 0.35 -0.59
N GLY A 212 -14.43 1.39 0.20
CA GLY A 212 -14.78 2.76 -0.21
C GLY A 212 -16.28 3.02 -0.16
N VAL A 213 -16.88 2.77 1.00
CA VAL A 213 -18.28 3.08 1.25
C VAL A 213 -18.40 3.73 2.63
N ALA A 214 -18.72 5.03 2.62
CA ALA A 214 -18.71 5.84 3.84
C ALA A 214 -19.39 5.17 5.03
N HIS A 215 -18.62 4.94 6.08
CA HIS A 215 -19.12 4.37 7.33
C HIS A 215 -19.89 3.06 7.19
N LEU A 216 -19.49 2.23 6.22
CA LEU A 216 -20.15 0.94 5.97
C LEU A 216 -20.13 0.03 7.20
N LEU A 217 -18.98 -0.01 7.88
CA LEU A 217 -18.82 -0.90 9.02
C LEU A 217 -19.31 -0.19 10.28
N THR A 218 -20.35 -0.78 10.89
CA THR A 218 -20.98 -0.23 12.10
C THR A 218 -20.77 -1.13 13.32
N ALA A 219 -20.99 -0.59 14.51
CA ALA A 219 -20.77 -1.31 15.77
C ALA A 219 -21.47 -2.67 15.82
N ASP A 220 -22.67 -2.76 15.25
CA ASP A 220 -23.43 -4.00 15.31
C ASP A 220 -22.87 -5.10 14.41
N MET A 221 -21.89 -4.74 13.58
CA MET A 221 -21.25 -5.68 12.68
C MET A 221 -19.91 -6.20 13.22
N VAL A 222 -19.45 -5.59 14.31
CA VAL A 222 -18.11 -5.85 14.85
C VAL A 222 -18.16 -6.65 16.16
N ARG A 223 -17.29 -7.64 16.28
CA ARG A 223 -17.14 -8.40 17.51
C ARG A 223 -16.43 -7.52 18.53
N PRO A 224 -16.94 -7.47 19.78
CA PRO A 224 -16.24 -6.74 20.84
C PRO A 224 -14.82 -7.28 21.04
N GLY A 225 -13.84 -6.39 21.10
CA GLY A 225 -12.45 -6.80 21.25
C GLY A 225 -11.71 -6.87 19.92
N ALA A 226 -12.44 -6.90 18.83
CA ALA A 226 -11.85 -7.11 17.49
C ALA A 226 -11.02 -5.93 16.98
N ALA A 227 -10.11 -6.21 16.05
CA ALA A 227 -9.25 -5.19 15.49
C ALA A 227 -9.85 -4.73 14.17
N VAL A 228 -9.88 -3.42 13.94
CA VAL A 228 -10.56 -2.86 12.78
C VAL A 228 -9.61 -1.96 12.00
N ILE A 229 -9.43 -2.28 10.72
CA ILE A 229 -8.51 -1.52 9.88
C ILE A 229 -9.31 -0.72 8.86
N ASP A 230 -9.17 0.60 8.89
CA ASP A 230 -9.96 1.53 8.06
C ASP A 230 -9.14 2.03 6.88
N VAL A 231 -9.42 1.49 5.69
CA VAL A 231 -8.58 1.76 4.51
C VAL A 231 -9.32 2.60 3.47
N GLY A 232 -10.55 2.21 3.15
CA GLY A 232 -11.33 2.87 2.13
C GLY A 232 -11.63 4.33 2.41
N VAL A 233 -11.73 5.10 1.32
CA VAL A 233 -12.07 6.52 1.37
C VAL A 233 -13.05 6.80 0.24
N SER A 234 -14.13 7.52 0.55
CA SER A 234 -15.05 7.98 -0.48
C SER A 234 -15.46 9.43 -0.25
N ARG A 235 -16.06 10.04 -1.28
CA ARG A 235 -16.50 11.44 -1.17
C ARG A 235 -17.99 11.54 -0.88
N THR A 236 -18.31 12.22 0.23
CA THR A 236 -19.68 12.51 0.58
C THR A 236 -19.85 14.03 0.55
N ASP A 237 -21.02 14.52 0.97
CA ASP A 237 -21.27 15.95 1.04
C ASP A 237 -20.34 16.62 2.05
N ASP A 238 -19.90 15.82 3.03
CA ASP A 238 -19.08 16.32 4.14
C ASP A 238 -17.58 16.28 3.84
N GLY A 239 -17.22 15.87 2.63
CA GLY A 239 -15.82 15.71 2.25
C GLY A 239 -15.44 14.24 2.13
N LEU A 240 -14.20 13.93 2.51
CA LEU A 240 -13.70 12.54 2.43
C LEU A 240 -13.94 11.77 3.72
N VAL A 241 -14.57 10.60 3.59
CA VAL A 241 -14.95 9.79 4.75
C VAL A 241 -14.49 8.33 4.60
N GLY A 242 -14.06 7.73 5.72
CA GLY A 242 -13.63 6.32 5.73
C GLY A 242 -14.78 5.32 5.72
N ASP A 243 -14.43 4.03 5.80
CA ASP A 243 -15.41 2.93 5.74
C ASP A 243 -15.99 2.52 7.11
N VAL A 244 -15.44 3.08 8.17
CA VAL A 244 -15.82 2.70 9.52
C VAL A 244 -16.54 3.82 10.27
N HIS A 245 -17.73 3.48 10.77
CA HIS A 245 -18.53 4.39 11.59
C HIS A 245 -17.84 4.65 12.92
N PRO A 246 -17.86 5.91 13.39
CA PRO A 246 -17.25 6.29 14.67
C PRO A 246 -17.72 5.47 15.86
N ASP A 247 -18.92 4.89 15.77
CA ASP A 247 -19.48 4.11 16.88
C ASP A 247 -18.72 2.81 17.11
N VAL A 248 -17.88 2.44 16.15
CA VAL A 248 -17.12 1.19 16.26
C VAL A 248 -16.07 1.32 17.36
N TRP A 249 -15.59 2.54 17.56
CA TRP A 249 -14.55 2.82 18.56
C TRP A 249 -14.92 2.38 19.99
N GLU A 250 -16.22 2.33 20.29
CA GLU A 250 -16.68 2.00 21.64
C GLU A 250 -16.28 0.59 22.08
N LEU A 251 -16.60 -0.40 21.26
CA LEU A 251 -16.43 -1.79 21.66
C LEU A 251 -15.28 -2.57 20.97
N ALA A 252 -14.76 -2.03 19.88
CA ALA A 252 -13.60 -2.63 19.22
C ALA A 252 -12.41 -2.58 20.16
N GLY A 253 -11.47 -3.52 19.99
CA GLY A 253 -10.27 -3.51 20.79
C GLY A 253 -9.25 -2.54 20.24
N HIS A 254 -9.23 -2.39 18.90
CA HIS A 254 -8.26 -1.55 18.19
C HIS A 254 -8.90 -1.00 16.92
N VAL A 255 -8.59 0.25 16.58
CA VAL A 255 -9.07 0.82 15.31
C VAL A 255 -7.95 1.67 14.73
N SER A 256 -7.70 1.52 13.43
CA SER A 256 -6.81 2.46 12.76
C SER A 256 -7.62 3.66 12.26
N PRO A 257 -7.16 4.88 12.57
CA PRO A 257 -7.89 6.06 12.13
C PRO A 257 -7.74 6.30 10.62
N ASN A 258 -8.66 7.06 10.06
CA ASN A 258 -8.60 7.47 8.67
C ASN A 258 -8.98 8.96 8.62
N PRO A 259 -7.99 9.84 8.46
CA PRO A 259 -6.60 9.56 8.07
C PRO A 259 -5.66 9.27 9.26
N GLY A 260 -4.38 9.00 8.94
CA GLY A 260 -3.36 8.77 9.96
C GLY A 260 -3.16 7.33 10.40
N GLY A 261 -3.74 6.37 9.69
CA GLY A 261 -3.59 4.96 10.03
C GLY A 261 -2.81 4.18 8.99
N VAL A 262 -3.52 3.60 8.03
CA VAL A 262 -2.87 2.82 6.98
C VAL A 262 -2.15 3.70 5.93
N GLY A 263 -2.73 4.86 5.64
CA GLY A 263 -2.14 5.78 4.64
C GLY A 263 -0.65 6.04 4.77
N PRO A 264 -0.19 6.44 5.96
CA PRO A 264 1.24 6.59 6.27
C PRO A 264 2.06 5.30 6.16
N LEU A 265 1.43 4.15 6.40
CA LEU A 265 2.15 2.88 6.28
C LEU A 265 2.38 2.47 4.81
N THR A 266 1.42 2.75 3.95
CA THR A 266 1.60 2.57 2.51
C THR A 266 2.85 3.29 2.01
N ARG A 267 2.98 4.56 2.38
CA ARG A 267 4.13 5.37 2.04
C ARG A 267 5.42 4.81 2.67
N ALA A 268 5.36 4.34 3.91
CA ALA A 268 6.57 3.81 4.55
C ALA A 268 7.07 2.58 3.82
N PHE A 269 6.13 1.78 3.31
CA PHE A 269 6.52 0.52 2.69
C PHE A 269 6.91 0.65 1.23
N LEU A 270 6.51 1.75 0.60
CA LEU A 270 7.10 2.16 -0.68
C LEU A 270 8.61 2.41 -0.52
N LEU A 271 8.99 3.21 0.47
CA LEU A 271 10.40 3.46 0.73
C LEU A 271 11.13 2.22 1.25
N THR A 272 10.45 1.41 2.05
CA THR A 272 11.00 0.13 2.50
C THR A 272 11.31 -0.79 1.32
N ASN A 273 10.38 -0.90 0.37
CA ASN A 273 10.59 -1.69 -0.84
C ASN A 273 11.81 -1.23 -1.61
N VAL A 274 11.96 0.08 -1.75
CA VAL A 274 13.09 0.63 -2.46
C VAL A 274 14.41 0.30 -1.74
N VAL A 275 14.44 0.48 -0.42
CA VAL A 275 15.63 0.19 0.35
C VAL A 275 15.98 -1.30 0.28
N GLU A 276 14.96 -2.17 0.40
CA GLU A 276 15.19 -3.61 0.35
C GLU A 276 15.67 -4.09 -1.02
N LEU A 277 15.11 -3.54 -2.09
CA LEU A 277 15.63 -3.83 -3.42
C LEU A 277 17.12 -3.50 -3.52
N ALA A 278 17.54 -2.38 -2.93
CA ALA A 278 18.95 -1.99 -2.96
C ALA A 278 19.85 -2.93 -2.13
N GLU A 279 19.36 -3.30 -0.94
CA GLU A 279 20.05 -4.24 -0.05
C GLU A 279 20.16 -5.64 -0.65
N ARG A 280 19.08 -6.14 -1.27
CA ARG A 280 19.09 -7.45 -1.93
C ARG A 280 20.06 -7.41 -3.10
N ARG A 281 20.67 -6.26 -3.33
CA ARG A 281 21.65 -6.08 -4.41
C ARG A 281 21.02 -6.23 -5.78
#